data_8K85
#
_entry.id   8K85
#
_cell.length_a   50.395
_cell.length_b   59.504
_cell.length_c   265.487
_cell.angle_alpha   90.000
_cell.angle_beta   90.000
_cell.angle_gamma   90.000
#
_symmetry.space_group_name_H-M   'I 2 2 2'
#
loop_
_entity.id
_entity.type
_entity.pdbx_description
1 polymer 'RNA (56-MER)'
2 non-polymer (5Z)-3-(3H-benzimidazol-4-ylmethyl)-5-[[3,5-bis(fluoranyl)-4-oxidanyl-phenyl]methylidene]-2-[(E)-hydroxyiminomethyl]imidazol-4-one
3 non-polymer (4S)-2-METHYL-2,4-PENTANEDIOL
4 non-polymer 'POTASSIUM ION'
5 non-polymer 'SODIUM ION'
6 water water
#
_entity_poly.entity_id   1
_entity_poly.type   'polyribonucleotide'
_entity_poly.pdbx_seq_one_letter_code
;GGAGACGGUCGGGUCCAGUCGCAACGAUGUUGGCUGUUGAGUAGUGUGUGGGCUCC
;
_entity_poly.pdbx_strand_id   A,B
#
loop_
_chem_comp.id
_chem_comp.type
_chem_comp.name
_chem_comp.formula
A RNA linking ADENOSINE-5'-MONOPHOSPHATE 'C10 H14 N5 O7 P'
A1EBI non-polymer (5Z)-3-(3H-benzimidazol-4-ylmethyl)-5-[[3,5-bis(fluoranyl)-4-oxidanyl-phenyl]methylidene]-2-[(E)-hydroxyiminomethyl]imidazol-4-one 'C19 H13 F2 N5 O3'
C RNA linking CYTIDINE-5'-MONOPHOSPHATE 'C9 H14 N3 O8 P'
G RNA linking GUANOSINE-5'-MONOPHOSPHATE 'C10 H14 N5 O8 P'
K non-polymer 'POTASSIUM ION' 'K 1'
MPD non-polymer (4S)-2-METHYL-2,4-PENTANEDIOL 'C6 H14 O2'
NA non-polymer 'SODIUM ION' 'Na 1'
U RNA linking URIDINE-5'-MONOPHOSPHATE 'C9 H13 N2 O9 P'
#
# COMPACT_ATOMS: atom_id res chain seq x y z
C10 A1EBI C . -27.86 -0.57 4.31
C13 A1EBI C . -27.31 1.30 7.28
C17 A1EBI C . -27.97 3.09 4.81
C20 A1EBI C . -24.20 3.37 4.39
C21 A1EBI C . -23.96 4.75 4.31
C22 A1EBI C . -25.02 5.58 4.38
C02 A1EBI C . -27.38 -5.38 3.28
C03 A1EBI C . -27.28 -5.78 4.60
C05 A1EBI C . -27.43 -4.83 5.55
C07 A1EBI C . -27.66 -3.47 5.24
C08 A1EBI C . -27.77 -3.06 3.92
C09 A1EBI C . -27.98 -1.65 3.55
C12 A1EBI C . -27.52 0.81 5.90
C18 A1EBI C . -26.60 3.70 4.62
C19 A1EBI C . -25.49 2.85 4.55
C23 A1EBI C . -26.33 5.06 4.53
C25 A1EBI C . -26.42 7.24 4.45
C27 A1EBI C . -28.07 0.81 3.78
C29 A1EBI C . -27.60 -4.05 2.94
F01 A1EBI C . -27.24 -6.27 2.30
F06 A1EBI C . -27.31 -5.32 6.80
N11 A1EBI C . -27.57 -0.48 5.66
N14 A1EBI C . -27.00 0.41 8.15
N16 A1EBI C . -27.84 1.63 4.86
N24 A1EBI C . -27.20 6.18 4.58
N26 A1EBI C . -25.06 7.01 4.33
O04 A1EBI C . -27.05 -7.07 5.01
O15 A1EBI C . -26.87 1.02 9.41
O28 A1EBI C . -28.37 1.13 2.66
C1 MPD D . -22.42 1.97 8.62
C2 MPD D . -23.11 3.22 9.11
O2 MPD D . -23.01 3.32 10.58
CM MPD D . -24.54 2.96 8.72
C3 MPD D . -22.74 4.52 8.35
C4 MPD D . -23.60 5.67 8.85
O4 MPD D . -23.06 6.96 8.92
C5 MPD D . -24.80 5.89 7.94
H11 MPD D . -22.83 1.67 7.66
H12 MPD D . -22.56 1.17 9.35
H13 MPD D . -21.34 2.16 8.50
HO2 MPD D . -22.40 4.06 10.82
HM1 MPD D . -24.72 3.33 7.71
HM2 MPD D . -25.20 3.46 9.41
HM3 MPD D . -24.73 1.89 8.75
H31 MPD D . -22.87 4.38 7.28
H32 MPD D . -21.68 4.75 8.52
H4 MPD D . -23.80 5.30 9.85
HO4 MPD D . -22.85 7.27 8.01
H51 MPD D . -25.13 6.92 8.02
H52 MPD D . -25.61 5.22 8.24
H53 MPD D . -24.52 5.68 6.90
K K E . -36.36 -1.18 2.30
K K F . -32.61 -0.92 2.27
K K G . 46.55 -3.96 -14.27
K K H . 24.10 -2.56 -13.32
NA NA I . -27.64 1.68 12.65
C10 A1EBI J . 42.89 -2.55 -10.81
C13 A1EBI J . 43.48 -2.84 -7.38
C17 A1EBI J . 43.21 -5.44 -8.64
C20 A1EBI J . 39.66 -4.96 -7.24
C21 A1EBI J . 39.41 -6.14 -6.55
C22 A1EBI J . 40.41 -7.10 -6.55
C02 A1EBI J . 42.78 1.82 -11.69
C03 A1EBI J . 42.53 2.15 -12.99
C05 A1EBI J . 42.32 1.17 -13.91
C07 A1EBI J . 42.38 -0.17 -13.58
C08 A1EBI J . 42.66 -0.55 -12.27
C09 A1EBI J . 42.70 -1.97 -11.99
C12 A1EBI J . 43.25 -2.96 -8.81
C18 A1EBI J . 41.92 -5.73 -7.90
C19 A1EBI J . 40.89 -4.77 -7.90
C23 A1EBI J . 41.64 -6.90 -7.20
C25 A1EBI J . 41.68 -8.82 -6.29
C27 A1EBI J . 42.88 -4.03 -10.66
C29 A1EBI J . 42.84 0.47 -11.32
F01 A1EBI J . 42.95 2.83 -10.80
F06 A1EBI J . 42.08 1.55 -15.14
N11 A1EBI J . 43.12 -1.93 -9.60
N14 A1EBI J . 43.22 -1.70 -6.85
N16 A1EBI J . 43.10 -4.18 -9.34
N24 A1EBI J . 42.45 -8.04 -7.02
N26 A1EBI J . 40.41 -8.38 -5.94
O04 A1EBI J . 42.46 3.45 -13.35
O15 A1EBI J . 43.48 -1.82 -5.47
O28 A1EBI J . 42.71 -4.88 -11.52
K K K . 50.10 -4.60 -15.56
NA NA L . 49.27 -5.78 -25.61
#